data_4EWI
#
_entry.id   4EWI
#
_cell.length_a   62.107
_cell.length_b   62.107
_cell.length_c   124.932
_cell.angle_alpha   90.00
_cell.angle_beta   90.00
_cell.angle_gamma   120.00
#
_symmetry.space_group_name_H-M   'P 32 2 1'
#
loop_
_entity.id
_entity.type
_entity.pdbx_description
1 polymer 'NACHT, LRR and PYD domains-containing protein 4'
2 non-polymer 'CHLORIDE ION'
3 non-polymer 'SULFATE ION'
4 water water
#
_entity_poly.entity_id   1
_entity_poly.type   'polypeptide(L)'
_entity_poly.pdbx_seq_one_letter_code
;GSMAASFFSDFGLMWYLEELKKEEFRKFKEHLKQMTLQLELKQIPWTEVKKASREELANLLIKHYEEQQAWNITLRIFQK
MDRKDLCMKVMRERTGYTKTYQAHAKQKFSRLE
;
_entity_poly.pdbx_strand_id   A,B
#
# COMPACT_ATOMS: atom_id res chain seq x y z
N PHE A 7 -16.25 5.27 1.50
CA PHE A 7 -15.24 6.29 1.35
C PHE A 7 -14.39 6.01 0.14
N PHE A 8 -14.76 6.69 -0.93
CA PHE A 8 -13.97 6.61 -2.13
C PHE A 8 -12.76 7.53 -2.00
N SER A 9 -12.60 8.14 -0.83
CA SER A 9 -11.41 8.96 -0.59
C SER A 9 -10.13 8.16 -0.30
N ASP A 10 -10.25 6.90 0.12
CA ASP A 10 -9.08 6.26 0.69
C ASP A 10 -8.50 5.13 -0.18
N PHE A 11 -7.20 4.89 0.01
CA PHE A 11 -6.42 4.00 -0.83
C PHE A 11 -5.60 2.96 -0.06
N GLY A 12 -5.11 1.95 -0.76
CA GLY A 12 -4.16 1.01 -0.21
C GLY A 12 -4.69 0.19 0.98
N LEU A 13 -3.82 -0.06 1.96
CA LEU A 13 -4.16 -0.85 3.14
C LEU A 13 -5.27 -0.23 3.95
N MET A 14 -5.23 1.10 4.02
CA MET A 14 -6.19 1.85 4.81
C MET A 14 -7.60 1.56 4.34
N TRP A 15 -7.79 1.50 3.02
CA TRP A 15 -9.10 1.27 2.44
C TRP A 15 -9.62 -0.12 2.94
N TYR A 16 -8.74 -1.11 2.96
CA TYR A 16 -9.14 -2.42 3.46
C TYR A 16 -9.47 -2.45 4.94
N LEU A 17 -8.69 -1.72 5.75
CA LEU A 17 -8.94 -1.72 7.18
C LEU A 17 -10.26 -1.03 7.45
N GLU A 18 -10.68 -0.18 6.50
CA GLU A 18 -11.96 0.47 6.62
C GLU A 18 -13.11 -0.43 6.23
N GLU A 19 -12.80 -1.58 5.66
CA GLU A 19 -13.81 -2.59 5.41
C GLU A 19 -14.20 -3.35 6.68
N LEU A 20 -13.47 -3.08 7.75
CA LEU A 20 -13.72 -3.70 9.06
C LEU A 20 -14.55 -2.82 9.97
N LYS A 21 -15.54 -3.41 10.66
CA LYS A 21 -16.30 -2.67 11.65
C LYS A 21 -15.46 -2.43 12.89
N LYS A 22 -16.06 -1.76 13.86
CA LYS A 22 -15.40 -1.42 15.10
C LYS A 22 -14.76 -2.62 15.84
N GLU A 23 -15.53 -3.70 16.00
CA GLU A 23 -15.02 -4.89 16.74
C GLU A 23 -14.02 -5.66 15.90
N GLU A 24 -14.29 -5.76 14.61
CA GLU A 24 -13.37 -6.44 13.71
C GLU A 24 -12.00 -5.79 13.73
N PHE A 25 -11.99 -4.48 13.73
CA PHE A 25 -10.74 -3.74 13.72
C PHE A 25 -9.99 -4.02 15.00
N ARG A 26 -10.75 -3.99 16.08
CA ARG A 26 -10.24 -4.29 17.40
C ARG A 26 -9.66 -5.72 17.40
N LYS A 27 -10.39 -6.69 16.82
CA LYS A 27 -9.90 -8.09 16.75
C LYS A 27 -8.72 -8.21 15.83
N PHE A 28 -8.75 -7.41 14.74
CA PHE A 28 -7.67 -7.39 13.76
C PHE A 28 -6.34 -7.10 14.43
N LYS A 29 -6.32 -6.07 15.30
CA LYS A 29 -5.13 -5.68 16.04
C LYS A 29 -4.67 -6.80 17.00
N GLU A 30 -5.61 -7.49 17.63
CA GLU A 30 -5.21 -8.61 18.52
C GLU A 30 -4.56 -9.73 17.70
N HIS A 31 -5.12 -10.07 16.53
CA HIS A 31 -4.53 -11.09 15.67
C HIS A 31 -3.14 -10.74 15.15
N LEU A 32 -3.01 -9.47 14.79
CA LEU A 32 -1.76 -8.93 14.29
C LEU A 32 -0.61 -9.10 15.27
N LYS A 33 -0.87 -8.71 16.50
CA LYS A 33 0.08 -8.79 17.58
C LYS A 33 0.41 -10.29 17.86
N GLN A 34 -0.61 -11.14 17.88
CA GLN A 34 -0.38 -12.58 18.07
C GLN A 34 0.57 -13.14 17.00
N MET A 35 0.24 -12.86 15.74
CA MET A 35 0.95 -13.42 14.61
C MET A 35 2.38 -12.91 14.47
N THR A 36 2.54 -11.59 14.65
CA THR A 36 3.86 -11.03 14.57
C THR A 36 4.72 -11.73 15.63
N LEU A 37 4.13 -12.00 16.81
CA LEU A 37 4.85 -12.76 17.84
C LEU A 37 5.10 -14.19 17.43
N GLN A 38 4.07 -14.84 16.92
CA GLN A 38 4.16 -16.22 16.52
C GLN A 38 5.25 -16.48 15.49
N LEU A 39 5.31 -15.65 14.45
CA LEU A 39 6.27 -15.96 13.39
C LEU A 39 7.57 -15.17 13.72
N GLU A 40 7.65 -14.51 14.87
CA GLU A 40 8.90 -13.83 15.32
C GLU A 40 9.52 -12.74 14.42
N LEU A 41 8.78 -11.64 14.29
CA LEU A 41 9.26 -10.41 13.67
C LEU A 41 9.52 -9.37 14.73
N LYS A 42 10.23 -8.31 14.37
CA LYS A 42 10.39 -7.23 15.31
C LYS A 42 8.97 -6.71 15.63
N GLN A 43 8.70 -6.50 16.91
CA GLN A 43 7.36 -6.20 17.38
C GLN A 43 7.03 -4.73 17.36
N ILE A 44 5.76 -4.41 17.18
CA ILE A 44 5.29 -3.08 17.51
C ILE A 44 4.67 -3.11 18.90
N PRO A 45 5.04 -2.14 19.77
CA PRO A 45 4.50 -2.01 21.14
C PRO A 45 2.98 -2.14 21.14
N TRP A 46 2.43 -3.07 21.91
CA TRP A 46 1.00 -3.34 21.86
C TRP A 46 0.15 -2.09 22.07
N THR A 47 0.65 -1.15 22.86
CA THR A 47 -0.05 0.12 23.09
C THR A 47 -0.19 0.93 21.81
N GLU A 48 0.86 0.97 20.99
CA GLU A 48 0.79 1.67 19.70
C GLU A 48 -0.24 1.04 18.79
N VAL A 49 -0.19 -0.28 18.71
CA VAL A 49 -1.09 -1.03 17.85
C VAL A 49 -2.56 -0.83 18.26
N LYS A 50 -2.83 -0.96 19.56
CA LYS A 50 -4.19 -0.95 20.11
C LYS A 50 -4.93 0.37 19.85
N LYS A 51 -4.20 1.48 19.95
CA LYS A 51 -4.74 2.82 19.86
C LYS A 51 -4.79 3.38 18.43
N ALA A 52 -4.10 2.70 17.50
CA ALA A 52 -3.95 3.19 16.15
C ALA A 52 -5.26 3.29 15.37
N SER A 53 -5.44 4.39 14.62
CA SER A 53 -6.58 4.49 13.72
C SER A 53 -6.26 3.58 12.55
N ARG A 54 -7.22 3.42 11.65
CA ARG A 54 -7.02 2.60 10.47
C ARG A 54 -5.86 3.13 9.61
N GLU A 55 -5.83 4.45 9.41
CA GLU A 55 -4.76 5.02 8.61
C GLU A 55 -3.41 4.89 9.31
N GLU A 56 -3.41 5.12 10.61
CA GLU A 56 -2.17 5.00 11.39
C GLU A 56 -1.66 3.53 11.43
N LEU A 57 -2.59 2.58 11.55
CA LEU A 57 -2.17 1.19 11.60
C LEU A 57 -1.59 0.77 10.25
N ALA A 58 -2.27 1.18 9.16
CA ALA A 58 -1.76 0.90 7.83
C ALA A 58 -0.33 1.41 7.66
N ASN A 59 -0.07 2.63 8.14
CA ASN A 59 1.27 3.20 8.09
C ASN A 59 2.26 2.49 9.04
N LEU A 60 1.77 2.04 10.21
CA LEU A 60 2.63 1.31 11.14
C LEU A 60 3.08 0.01 10.48
N LEU A 61 2.13 -0.66 9.83
CA LEU A 61 2.45 -1.91 9.19
C LEU A 61 3.52 -1.76 8.14
N ILE A 62 3.32 -0.79 7.25
CA ILE A 62 4.24 -0.55 6.15
C ILE A 62 5.56 0.00 6.64
N LYS A 63 5.52 0.83 7.68
CA LYS A 63 6.74 1.37 8.23
C LYS A 63 7.62 0.27 8.83
N HIS A 64 7.02 -0.67 9.57
CA HIS A 64 7.78 -1.72 10.25
C HIS A 64 8.17 -2.94 9.40
N TYR A 65 7.39 -3.25 8.36
CA TYR A 65 7.58 -4.49 7.59
C TYR A 65 7.76 -4.27 6.11
N GLU A 66 7.75 -3.00 5.70
CA GLU A 66 7.69 -2.59 4.28
C GLU A 66 6.43 -3.10 3.59
N GLU A 67 6.19 -2.60 2.38
CA GLU A 67 4.86 -2.71 1.78
C GLU A 67 4.32 -4.13 1.56
N GLN A 68 5.13 -4.98 0.92
CA GLN A 68 4.70 -6.31 0.54
C GLN A 68 4.37 -7.18 1.77
N GLN A 69 5.19 -7.08 2.80
CA GLN A 69 4.94 -7.88 3.97
C GLN A 69 3.74 -7.38 4.77
N ALA A 70 3.54 -6.05 4.78
CA ALA A 70 2.37 -5.49 5.46
C ALA A 70 1.08 -6.01 4.83
N TRP A 71 1.08 -6.12 3.50
CA TRP A 71 -0.06 -6.66 2.81
C TRP A 71 -0.23 -8.18 3.07
N ASN A 72 0.85 -8.94 2.93
CA ASN A 72 0.79 -10.36 3.19
C ASN A 72 0.35 -10.67 4.62
N ILE A 73 0.85 -9.90 5.60
CA ILE A 73 0.43 -10.08 6.97
C ILE A 73 -1.06 -9.77 7.14
N THR A 74 -1.47 -8.65 6.58
CA THR A 74 -2.86 -8.20 6.64
C THR A 74 -3.84 -9.22 6.01
N LEU A 75 -3.49 -9.75 4.85
CA LEU A 75 -4.34 -10.74 4.16
C LEU A 75 -4.41 -12.08 4.94
N ARG A 76 -3.33 -12.42 5.64
CA ARG A 76 -3.34 -13.65 6.45
C ARG A 76 -4.32 -13.49 7.60
N ILE A 77 -4.31 -12.30 8.20
CA ILE A 77 -5.22 -12.04 9.30
C ILE A 77 -6.68 -12.08 8.82
N PHE A 78 -6.97 -11.43 7.68
CA PHE A 78 -8.32 -11.44 7.11
C PHE A 78 -8.87 -12.88 6.95
N GLN A 79 -8.04 -13.74 6.39
CA GLN A 79 -8.42 -15.14 6.13
C GLN A 79 -8.70 -15.86 7.47
N LYS A 80 -7.93 -15.49 8.49
CA LYS A 80 -8.08 -16.01 9.85
C LYS A 80 -9.32 -15.51 10.61
N MET A 81 -9.71 -14.29 10.38
CA MET A 81 -10.88 -13.62 10.97
C MET A 81 -12.17 -13.94 10.23
N ASP A 82 -12.10 -14.84 9.25
CA ASP A 82 -13.25 -15.11 8.39
C ASP A 82 -13.62 -13.91 7.48
N ARG A 83 -12.64 -13.10 7.09
CA ARG A 83 -12.89 -12.04 6.11
CA ARG A 83 -12.86 -12.02 6.13
C ARG A 83 -12.31 -12.43 4.76
N LYS A 84 -12.62 -13.67 4.38
CA LYS A 84 -12.11 -14.30 3.19
C LYS A 84 -12.56 -13.52 1.92
N ASP A 85 -13.68 -12.82 2.03
CA ASP A 85 -14.16 -11.98 0.94
C ASP A 85 -13.15 -10.90 0.58
N LEU A 86 -12.47 -10.38 1.60
CA LEU A 86 -11.47 -9.35 1.37
C LEU A 86 -10.24 -9.93 0.70
N CYS A 87 -9.86 -11.13 1.12
CA CYS A 87 -8.73 -11.80 0.49
C CYS A 87 -8.98 -12.10 -0.98
N MET A 88 -10.18 -12.61 -1.28
CA MET A 88 -10.52 -12.95 -2.65
C MET A 88 -10.64 -11.65 -3.46
N LYS A 89 -11.17 -10.60 -2.83
CA LYS A 89 -11.30 -9.33 -3.53
C LYS A 89 -9.96 -8.80 -4.00
N VAL A 90 -8.99 -8.76 -3.08
CA VAL A 90 -7.65 -8.35 -3.44
C VAL A 90 -7.05 -9.24 -4.50
N MET A 91 -7.30 -10.54 -4.38
CA MET A 91 -6.78 -11.45 -5.34
C MET A 91 -7.43 -11.35 -6.70
N ARG A 92 -8.73 -11.16 -6.78
CA ARG A 92 -9.32 -10.99 -8.11
C ARG A 92 -8.69 -9.76 -8.82
N GLU A 93 -8.40 -8.73 -8.02
CA GLU A 93 -7.86 -7.46 -8.55
C GLU A 93 -6.42 -7.58 -9.02
N ARG A 94 -5.59 -8.21 -8.19
CA ARG A 94 -4.16 -8.38 -8.47
C ARG A 94 -3.91 -9.38 -9.58
N THR A 95 -4.95 -10.13 -9.89
CA THR A 95 -4.87 -11.19 -10.88
C THR A 95 -5.37 -10.76 -12.25
N GLY A 96 -6.45 -9.98 -12.26
CA GLY A 96 -7.11 -9.52 -13.47
C GLY A 96 -8.37 -10.33 -13.77
N TYR A 97 -8.93 -10.93 -12.71
CA TYR A 97 -10.15 -11.71 -12.81
C TYR A 97 -11.38 -10.80 -12.75
N PHE B 7 6.23 -15.45 -3.44
N PHE B 7 5.97 -13.94 -2.99
CA PHE B 7 5.00 -14.66 -3.51
CA PHE B 7 4.62 -14.40 -3.32
C PHE B 7 4.56 -14.52 -4.97
C PHE B 7 4.35 -14.27 -4.83
N PHE B 8 3.41 -15.07 -5.31
CA PHE B 8 3.01 -15.05 -6.71
C PHE B 8 2.30 -13.76 -7.20
N SER B 9 1.74 -12.98 -6.31
CA SER B 9 1.32 -11.69 -6.78
C SER B 9 1.75 -10.65 -5.79
N ASP B 10 2.00 -9.47 -6.34
CA ASP B 10 2.46 -8.30 -5.66
C ASP B 10 1.29 -7.42 -5.33
N PHE B 11 1.47 -6.58 -4.34
CA PHE B 11 0.36 -5.82 -3.83
C PHE B 11 0.67 -4.33 -3.77
N GLY B 12 -0.39 -3.55 -3.61
CA GLY B 12 -0.27 -2.14 -3.36
C GLY B 12 0.41 -1.39 -4.49
N LEU B 13 1.21 -0.40 -4.10
CA LEU B 13 1.90 0.49 -5.04
C LEU B 13 2.84 -0.29 -5.95
N MET B 14 3.49 -1.33 -5.41
CA MET B 14 4.44 -2.10 -6.21
C MET B 14 3.72 -2.72 -7.41
N TRP B 15 2.49 -3.18 -7.17
CA TRP B 15 1.73 -3.81 -8.24
C TRP B 15 1.44 -2.78 -9.38
N TYR B 16 1.09 -1.56 -9.01
CA TYR B 16 0.80 -0.53 -10.01
C TYR B 16 2.05 -0.17 -10.78
N LEU B 17 3.19 -0.10 -10.11
CA LEU B 17 4.42 0.22 -10.79
C LEU B 17 4.84 -0.91 -11.72
N GLU B 18 4.37 -2.13 -11.45
CA GLU B 18 4.69 -3.24 -12.35
C GLU B 18 3.81 -3.23 -13.59
N GLU B 19 2.80 -2.38 -13.58
CA GLU B 19 2.06 -2.18 -14.82
C GLU B 19 2.85 -1.23 -15.79
N LEU B 20 3.98 -0.66 -15.35
CA LEU B 20 4.80 0.21 -16.24
C LEU B 20 5.92 -0.58 -16.86
N LYS B 21 6.12 -0.39 -18.16
CA LYS B 21 7.23 -1.02 -18.81
C LYS B 21 8.52 -0.29 -18.40
N LYS B 22 9.65 -0.75 -18.92
CA LYS B 22 10.95 -0.20 -18.58
C LYS B 22 11.01 1.34 -18.78
N GLU B 23 10.52 1.78 -19.94
CA GLU B 23 10.58 3.19 -20.29
C GLU B 23 9.61 4.06 -19.48
N GLU B 24 8.43 3.50 -19.26
CA GLU B 24 7.39 4.11 -18.46
C GLU B 24 7.87 4.32 -17.03
N PHE B 25 8.56 3.31 -16.49
CA PHE B 25 9.06 3.37 -15.13
C PHE B 25 10.07 4.52 -15.04
N ARG B 26 10.94 4.62 -16.04
CA ARG B 26 11.86 5.73 -16.07
C ARG B 26 11.19 7.09 -16.12
N LYS B 27 10.16 7.22 -16.96
CA LYS B 27 9.46 8.47 -17.02
C LYS B 27 8.74 8.71 -15.72
N PHE B 28 8.23 7.66 -15.08
CA PHE B 28 7.55 7.84 -13.81
C PHE B 28 8.46 8.56 -12.84
N LYS B 29 9.70 8.11 -12.75
CA LYS B 29 10.66 8.76 -11.84
C LYS B 29 10.93 10.24 -12.20
N GLU B 30 11.01 10.55 -13.51
CA GLU B 30 11.27 11.93 -13.94
C GLU B 30 10.08 12.82 -13.57
N HIS B 31 8.87 12.32 -13.78
CA HIS B 31 7.67 13.09 -13.40
C HIS B 31 7.61 13.34 -11.91
N LEU B 32 8.01 12.31 -11.13
CA LEU B 32 8.05 12.37 -9.66
C LEU B 32 8.95 13.53 -9.20
N LYS B 33 10.14 13.60 -9.77
CA LYS B 33 11.09 14.67 -9.43
C LYS B 33 10.56 16.07 -9.80
N GLN B 34 9.98 16.16 -10.99
CA GLN B 34 9.37 17.41 -11.46
C GLN B 34 8.31 17.80 -10.45
N MET B 35 7.46 16.82 -10.13
CA MET B 35 6.35 17.11 -9.28
C MET B 35 6.78 17.51 -7.88
N THR B 36 7.73 16.80 -7.28
CA THR B 36 8.19 17.18 -5.95
C THR B 36 8.81 18.57 -5.93
N LEU B 37 9.55 18.91 -6.99
CA LEU B 37 10.09 20.26 -7.11
C LEU B 37 9.00 21.29 -7.32
N GLN B 38 8.09 21.02 -8.24
CA GLN B 38 7.05 21.97 -8.52
C GLN B 38 6.18 22.35 -7.32
N LEU B 39 5.73 21.34 -6.59
CA LEU B 39 4.84 21.50 -5.47
C LEU B 39 5.60 21.61 -4.14
N GLU B 40 6.91 21.59 -4.24
CA GLU B 40 7.82 21.80 -3.12
C GLU B 40 7.60 20.89 -1.91
N LEU B 41 7.83 19.59 -2.11
CA LEU B 41 7.90 18.69 -0.99
C LEU B 41 9.30 18.29 -0.75
N LYS B 42 9.45 17.67 0.41
CA LYS B 42 10.71 17.12 0.78
C LYS B 42 11.03 16.10 -0.31
N GLN B 43 12.27 16.16 -0.78
CA GLN B 43 12.69 15.40 -1.92
C GLN B 43 13.07 14.04 -1.38
N ILE B 44 12.93 13.02 -2.21
CA ILE B 44 13.59 11.76 -1.93
C ILE B 44 14.86 11.92 -2.75
N PRO B 45 16.02 11.59 -2.15
CA PRO B 45 17.29 11.70 -2.87
C PRO B 45 17.22 11.09 -4.27
N TRP B 46 17.50 11.93 -5.27
CA TRP B 46 17.35 11.54 -6.66
C TRP B 46 18.15 10.28 -7.01
N THR B 47 19.29 10.12 -6.35
CA THR B 47 20.12 8.93 -6.55
C THR B 47 19.37 7.68 -6.11
N GLU B 48 18.68 7.77 -4.99
CA GLU B 48 17.85 6.68 -4.50
C GLU B 48 16.69 6.37 -5.45
N VAL B 49 16.00 7.43 -5.88
CA VAL B 49 14.86 7.26 -6.77
C VAL B 49 15.25 6.64 -8.12
N LYS B 50 16.31 7.18 -8.70
CA LYS B 50 16.69 6.79 -10.04
C LYS B 50 17.04 5.32 -10.10
N LYS B 51 17.70 4.82 -9.06
CA LYS B 51 18.21 3.45 -9.08
C LYS B 51 17.19 2.41 -8.57
N ALA B 52 16.13 2.88 -7.93
CA ALA B 52 15.16 2.01 -7.26
C ALA B 52 14.38 1.09 -8.17
N SER B 53 14.21 -0.15 -7.72
CA SER B 53 13.35 -1.14 -8.37
C SER B 53 11.92 -0.72 -8.11
N ARG B 54 10.97 -1.43 -8.74
CA ARG B 54 9.57 -1.12 -8.51
C ARG B 54 9.19 -1.30 -7.05
N GLU B 55 9.63 -2.39 -6.42
CA GLU B 55 9.29 -2.56 -5.03
C GLU B 55 9.93 -1.51 -4.13
N GLU B 56 11.17 -1.16 -4.44
CA GLU B 56 11.87 -0.16 -3.67
C GLU B 56 11.26 1.24 -3.81
N LEU B 57 10.84 1.62 -5.03
CA LEU B 57 10.26 2.96 -5.19
C LEU B 57 8.95 3.04 -4.42
N ALA B 58 8.13 2.01 -4.54
CA ALA B 58 6.89 1.98 -3.78
C ALA B 58 7.18 2.21 -2.27
N ASN B 59 8.19 1.53 -1.74
CA ASN B 59 8.55 1.72 -0.34
C ASN B 59 9.12 3.07 0.03
N LEU B 60 9.90 3.64 -0.90
CA LEU B 60 10.47 4.96 -0.70
C LEU B 60 9.38 6.00 -0.57
N LEU B 61 8.41 5.89 -1.47
CA LEU B 61 7.30 6.81 -1.53
C LEU B 61 6.52 6.83 -0.23
N ILE B 62 6.15 5.64 0.25
CA ILE B 62 5.35 5.51 1.45
C ILE B 62 6.12 5.92 2.69
N LYS B 63 7.41 5.60 2.69
CA LYS B 63 8.26 5.98 3.80
C LYS B 63 8.34 7.53 3.93
N HIS B 64 8.49 8.22 2.80
CA HIS B 64 8.68 9.69 2.84
C HIS B 64 7.41 10.50 3.00
N TYR B 65 6.29 9.96 2.51
CA TYR B 65 5.04 10.70 2.42
C TYR B 65 3.84 10.03 3.11
N GLU B 66 4.10 8.84 3.67
CA GLU B 66 3.07 7.92 4.20
C GLU B 66 2.09 7.51 3.10
N GLU B 67 1.25 6.52 3.40
CA GLU B 67 0.52 5.80 2.37
C GLU B 67 -0.46 6.60 1.53
N GLN B 68 -1.34 7.38 2.17
CA GLN B 68 -2.37 8.08 1.40
C GLN B 68 -1.73 9.09 0.45
N GLN B 69 -0.70 9.79 0.93
CA GLN B 69 -0.08 10.81 0.02
C GLN B 69 0.76 10.11 -1.07
N ALA B 70 1.36 8.97 -0.73
CA ALA B 70 2.10 8.19 -1.72
C ALA B 70 1.17 7.72 -2.86
N TRP B 71 -0.06 7.32 -2.52
CA TRP B 71 -1.02 6.89 -3.55
C TRP B 71 -1.47 8.12 -4.39
N ASN B 72 -1.86 9.20 -3.74
CA ASN B 72 -2.27 10.40 -4.46
C ASN B 72 -1.17 10.91 -5.42
N ILE B 73 0.09 10.89 -4.98
CA ILE B 73 1.19 11.26 -5.85
C ILE B 73 1.36 10.33 -7.03
N THR B 74 1.34 9.02 -6.77
CA THR B 74 1.51 8.01 -7.81
C THR B 74 0.46 8.12 -8.88
N LEU B 75 -0.79 8.27 -8.44
CA LEU B 75 -1.95 8.42 -9.35
C LEU B 75 -1.92 9.70 -10.18
N ARG B 76 -1.38 10.76 -9.59
CA ARG B 76 -1.26 12.02 -10.31
C ARG B 76 -0.29 11.89 -11.45
N ILE B 77 0.81 11.21 -11.19
CA ILE B 77 1.84 10.96 -12.19
C ILE B 77 1.27 10.11 -13.31
N PHE B 78 0.53 9.06 -12.96
CA PHE B 78 -0.13 8.21 -13.96
C PHE B 78 -0.97 9.04 -14.93
N GLN B 79 -1.75 9.96 -14.36
CA GLN B 79 -2.64 10.80 -15.13
C GLN B 79 -1.85 11.71 -16.11
N LYS B 80 -0.68 12.18 -15.68
CA LYS B 80 0.25 12.96 -16.48
C LYS B 80 0.97 12.14 -17.53
N MET B 81 1.25 10.87 -17.20
CA MET B 81 1.95 9.99 -18.13
C MET B 81 0.99 9.39 -19.12
N ASP B 82 -0.26 9.80 -19.04
CA ASP B 82 -1.33 9.27 -19.87
C ASP B 82 -1.62 7.80 -19.57
N ARG B 83 -1.36 7.39 -18.33
CA ARG B 83 -1.72 6.06 -17.90
C ARG B 83 -3.00 6.16 -17.06
N LYS B 84 -3.96 6.90 -17.60
CA LYS B 84 -5.22 7.12 -16.93
C LYS B 84 -6.00 5.83 -16.69
N ASP B 85 -5.73 4.79 -17.48
CA ASP B 85 -6.37 3.47 -17.29
C ASP B 85 -6.04 2.97 -15.87
N LEU B 86 -4.84 3.28 -15.36
CA LEU B 86 -4.45 2.85 -14.02
C LEU B 86 -5.27 3.65 -13.00
N CYS B 87 -5.53 4.94 -13.26
CA CYS B 87 -6.42 5.71 -12.37
C CYS B 87 -7.84 5.11 -12.36
N MET B 88 -8.36 4.71 -13.52
CA MET B 88 -9.70 4.13 -13.60
C MET B 88 -9.73 2.78 -12.86
N LYS B 89 -8.65 2.01 -12.96
CA LYS B 89 -8.53 0.71 -12.30
C LYS B 89 -8.69 0.84 -10.77
N VAL B 90 -8.01 1.82 -10.17
CA VAL B 90 -8.12 2.07 -8.74
C VAL B 90 -9.58 2.36 -8.34
N MET B 91 -10.31 3.11 -9.16
CA MET B 91 -11.73 3.36 -8.85
C MET B 91 -12.62 2.09 -9.05
N ARG B 92 -12.35 1.35 -10.12
CA ARG B 92 -13.10 0.13 -10.35
C ARG B 92 -12.91 -0.84 -9.17
N GLU B 93 -11.72 -0.85 -8.57
CA GLU B 93 -11.44 -1.81 -7.50
C GLU B 93 -12.26 -1.45 -6.27
N ARG B 94 -12.30 -0.17 -5.92
CA ARG B 94 -13.06 0.18 -4.73
C ARG B 94 -14.57 0.06 -5.00
N THR B 95 -14.92 -0.07 -6.26
CA THR B 95 -16.30 -0.14 -6.65
C THR B 95 -16.81 -1.57 -6.88
N GLY B 96 -15.98 -2.41 -7.51
CA GLY B 96 -16.39 -3.76 -7.85
C GLY B 96 -16.83 -3.84 -9.31
#